data_4QPV
#
_entry.id   4QPV
#
_cell.length_a   58.545
_cell.length_b   107.570
_cell.length_c   112.814
_cell.angle_alpha   90.000
_cell.angle_beta   90.000
_cell.angle_gamma   90.000
#
_symmetry.space_group_name_H-M   'P 21 21 21'
#
loop_
_entity.id
_entity.type
_entity.pdbx_description
1 polymer 'Uncharacterized protein'
2 water water
#
_entity_poly.entity_id   1
_entity_poly.type   'polypeptide(L)'
_entity_poly.pdbx_seq_one_letter_code
;GESKKDRNTETNTETKSVPEE(MSE)EASKYVGQGFQPPAEKDAIEFSKKHKDKIAKRGEQFF(MSE)DNFGLKVKATNV
VGSGDGVEVFVHCDDHDIVFNASIPFDKSIIESDSSLRSEDKGDD(MSE)STLVGTVLSGFEYRAHKEELDNLTEVLKEY
KSKYKYTGYTENAI(MSE)KTQNSGFRNEYYYLTAIPYTLDEYKRYFQPLIKEDDKSFRDG(MSE)RNSKKQLKDKSRPY
VVTTLFSTKDNFTKDNTIDE(MSE)IDFSEVLKKKKNIPHDLNVSLQISNKYINTKRPNYSKKEVIEVGVFNHEKANTND
;
_entity_poly.pdbx_strand_id   A,B
#
# COMPACT_ATOMS: atom_id res chain seq x y z
N SER A 17 -10.50 -14.97 -21.49
CA SER A 17 -9.77 -14.64 -20.26
C SER A 17 -9.66 -13.11 -20.09
N VAL A 18 -9.12 -12.66 -18.94
CA VAL A 18 -8.94 -11.21 -18.67
C VAL A 18 -7.44 -10.92 -18.53
N PRO A 19 -6.87 -9.96 -19.30
CA PRO A 19 -5.43 -9.66 -19.14
C PRO A 19 -5.15 -8.97 -17.81
N GLU A 20 -3.87 -9.03 -17.33
CA GLU A 20 -3.41 -8.41 -16.08
C GLU A 20 -3.68 -6.91 -16.09
N GLU A 21 -3.41 -6.28 -17.23
CA GLU A 21 -3.59 -4.85 -17.38
CA GLU A 21 -3.63 -4.85 -17.35
C GLU A 21 -4.40 -4.57 -18.63
N MSE A 22 -5.18 -3.50 -18.60
CA MSE A 22 -6.04 -3.04 -19.66
C MSE A 22 -6.03 -1.55 -19.70
O MSE A 22 -5.78 -0.90 -18.68
CB MSE A 22 -7.45 -3.51 -19.30
CG MSE A 22 -8.34 -3.78 -20.46
SE MSE A 22 -9.96 -4.50 -19.70
CE MSE A 22 -9.56 -6.22 -19.72
N GLU A 23 -6.43 -0.97 -20.85
CA GLU A 23 -6.65 0.47 -20.96
C GLU A 23 -7.80 0.86 -20.04
N ALA A 24 -7.59 1.90 -19.24
CA ALA A 24 -8.60 2.36 -18.29
C ALA A 24 -9.93 2.72 -18.98
N SER A 25 -9.87 3.23 -20.23
CA SER A 25 -11.07 3.60 -21.00
C SER A 25 -11.94 2.37 -21.36
N LYS A 26 -11.35 1.18 -21.37
CA LYS A 26 -12.08 -0.03 -21.71
C LYS A 26 -12.34 -0.92 -20.48
N TYR A 27 -11.79 -0.56 -19.32
CA TYR A 27 -11.98 -1.39 -18.14
C TYR A 27 -13.34 -1.10 -17.47
N VAL A 28 -14.18 -2.13 -17.33
CA VAL A 28 -15.49 -2.03 -16.70
C VAL A 28 -15.59 -2.94 -15.44
N GLY A 29 -14.44 -3.37 -14.91
CA GLY A 29 -14.40 -4.21 -13.72
C GLY A 29 -14.22 -5.70 -13.99
N GLN A 30 -13.99 -6.09 -15.26
CA GLN A 30 -13.82 -7.52 -15.58
C GLN A 30 -12.52 -8.02 -14.91
N GLY A 31 -12.62 -9.14 -14.21
CA GLY A 31 -11.48 -9.70 -13.50
C GLY A 31 -11.24 -9.15 -12.11
N PHE A 32 -12.04 -8.15 -11.66
CA PHE A 32 -11.88 -7.58 -10.32
C PHE A 32 -12.06 -8.65 -9.27
N GLN A 33 -11.05 -8.82 -8.42
CA GLN A 33 -11.11 -9.84 -7.38
C GLN A 33 -10.22 -9.51 -6.18
N PRO A 34 -10.81 -9.07 -5.04
CA PRO A 34 -9.99 -8.91 -3.83
C PRO A 34 -9.38 -10.26 -3.38
N PRO A 35 -8.26 -10.25 -2.60
CA PRO A 35 -7.70 -11.53 -2.13
C PRO A 35 -8.80 -12.40 -1.49
N ALA A 36 -8.97 -13.65 -1.98
CA ALA A 36 -10.06 -14.54 -1.52
C ALA A 36 -9.86 -16.02 -1.87
N GLU A 37 -10.54 -16.91 -1.11
CA GLU A 37 -10.56 -18.38 -1.31
CA GLU A 37 -10.53 -18.36 -1.34
C GLU A 37 -11.47 -18.70 -2.47
N LYS A 38 -11.17 -19.79 -3.22
CA LYS A 38 -12.03 -20.24 -4.33
CA LYS A 38 -12.02 -20.25 -4.32
C LYS A 38 -13.44 -20.50 -3.82
N ASP A 39 -13.56 -21.13 -2.62
CA ASP A 39 -14.79 -21.48 -1.92
C ASP A 39 -15.61 -20.21 -1.60
N ALA A 40 -14.93 -19.15 -1.15
CA ALA A 40 -15.53 -17.84 -0.81
C ALA A 40 -16.10 -17.18 -2.08
N ILE A 41 -15.32 -17.20 -3.19
CA ILE A 41 -15.75 -16.66 -4.50
C ILE A 41 -17.00 -17.41 -4.96
N GLU A 42 -16.97 -18.75 -4.95
CA GLU A 42 -18.14 -19.54 -5.35
C GLU A 42 -19.36 -19.24 -4.45
N PHE A 43 -19.12 -19.08 -3.13
CA PHE A 43 -20.20 -18.75 -2.16
C PHE A 43 -20.89 -17.43 -2.53
N SER A 44 -20.10 -16.39 -2.87
CA SER A 44 -20.61 -15.07 -3.23
C SER A 44 -21.56 -15.14 -4.44
N LYS A 45 -21.30 -16.05 -5.38
CA LYS A 45 -22.12 -16.22 -6.57
C LYS A 45 -23.43 -16.94 -6.26
N LYS A 46 -23.38 -17.90 -5.35
CA LYS A 46 -24.57 -18.70 -4.99
C LYS A 46 -25.55 -17.95 -4.08
N HIS A 47 -25.09 -16.87 -3.40
CA HIS A 47 -25.93 -16.14 -2.45
C HIS A 47 -25.88 -14.63 -2.69
N LYS A 48 -25.70 -14.23 -3.95
CA LYS A 48 -25.61 -12.83 -4.39
C LYS A 48 -26.81 -12.02 -3.88
N ASP A 49 -28.08 -12.47 -4.07
CA ASP A 49 -29.25 -11.71 -3.63
C ASP A 49 -29.33 -11.54 -2.10
N LYS A 50 -29.10 -12.62 -1.36
CA LYS A 50 -29.16 -12.54 0.11
C LYS A 50 -28.07 -11.64 0.63
N ILE A 51 -26.84 -11.77 0.09
CA ILE A 51 -25.70 -10.98 0.56
C ILE A 51 -25.96 -9.50 0.26
N ALA A 52 -26.47 -9.20 -0.96
CA ALA A 52 -26.82 -7.83 -1.36
C ALA A 52 -27.85 -7.24 -0.40
N LYS A 53 -28.90 -8.01 -0.06
CA LYS A 53 -29.96 -7.60 0.86
C LYS A 53 -29.38 -7.30 2.25
N ARG A 54 -28.50 -8.19 2.77
CA ARG A 54 -27.85 -8.00 4.09
C ARG A 54 -26.91 -6.77 4.08
N GLY A 55 -26.19 -6.56 2.99
CA GLY A 55 -25.33 -5.39 2.83
C GLY A 55 -26.12 -4.09 2.88
N GLU A 56 -27.25 -4.06 2.16
CA GLU A 56 -28.15 -2.90 2.17
C GLU A 56 -28.70 -2.68 3.58
N GLN A 57 -29.12 -3.78 4.25
CA GLN A 57 -29.63 -3.71 5.62
C GLN A 57 -28.59 -3.10 6.55
N PHE A 58 -27.30 -3.52 6.42
CA PHE A 58 -26.22 -3.00 7.27
C PHE A 58 -26.16 -1.47 7.23
N PHE A 59 -26.20 -0.89 6.03
CA PHE A 59 -26.10 0.56 5.85
C PHE A 59 -27.33 1.27 6.38
N MSE A 60 -28.53 0.63 6.31
CA MSE A 60 -29.73 1.23 6.86
CA MSE A 60 -29.73 1.23 6.87
C MSE A 60 -29.65 1.21 8.40
O MSE A 60 -29.86 2.23 9.03
CB MSE A 60 -31.02 0.56 6.35
CB MSE A 60 -30.99 0.52 6.36
CG MSE A 60 -32.32 1.21 6.87
CG MSE A 60 -32.28 1.16 6.84
SE MSE A 60 -32.49 3.15 6.47
SE MSE A 60 -33.86 0.17 6.30
CE MSE A 60 -32.95 3.00 4.59
CE MSE A 60 -33.62 -1.43 7.40
N ASP A 61 -29.35 0.02 9.00
CA ASP A 61 -29.24 -0.13 10.45
C ASP A 61 -28.21 0.80 11.10
N ASN A 62 -27.03 0.92 10.49
CA ASN A 62 -25.94 1.70 11.09
C ASN A 62 -25.85 3.16 10.67
N PHE A 63 -26.21 3.50 9.44
CA PHE A 63 -26.08 4.89 8.99
C PHE A 63 -27.42 5.59 8.70
N GLY A 64 -28.52 4.83 8.67
CA GLY A 64 -29.84 5.40 8.40
C GLY A 64 -29.97 5.82 6.95
N LEU A 65 -29.19 5.18 6.07
CA LEU A 65 -29.17 5.49 4.64
C LEU A 65 -29.61 4.33 3.78
N LYS A 66 -30.31 4.64 2.69
CA LYS A 66 -30.76 3.69 1.70
C LYS A 66 -29.66 3.54 0.64
N VAL A 67 -29.10 2.33 0.50
CA VAL A 67 -28.02 2.08 -0.47
C VAL A 67 -28.48 0.94 -1.38
N LYS A 68 -27.77 0.77 -2.49
CA LYS A 68 -28.01 -0.31 -3.45
C LYS A 68 -26.70 -1.08 -3.70
N ALA A 69 -26.73 -2.42 -3.55
CA ALA A 69 -25.54 -3.24 -3.84
C ALA A 69 -25.15 -3.11 -5.33
N THR A 70 -23.87 -2.97 -5.59
CA THR A 70 -23.36 -2.88 -6.97
C THR A 70 -22.51 -4.10 -7.31
N ASN A 71 -21.97 -4.77 -6.29
CA ASN A 71 -21.10 -5.91 -6.52
C ASN A 71 -21.01 -6.77 -5.30
N VAL A 72 -21.04 -8.09 -5.49
CA VAL A 72 -20.88 -9.03 -4.39
C VAL A 72 -19.74 -9.94 -4.74
N VAL A 73 -18.70 -9.98 -3.91
CA VAL A 73 -17.52 -10.78 -4.24
C VAL A 73 -17.03 -11.62 -3.08
N GLY A 74 -16.21 -12.63 -3.39
CA GLY A 74 -15.48 -13.40 -2.37
C GLY A 74 -14.40 -12.45 -1.83
N SER A 75 -14.14 -12.49 -0.51
CA SER A 75 -13.12 -11.66 0.14
C SER A 75 -12.63 -12.39 1.36
N GLY A 76 -11.34 -12.78 1.37
CA GLY A 76 -10.75 -13.57 2.45
C GLY A 76 -11.43 -14.92 2.45
N ASP A 77 -11.96 -15.35 3.61
CA ASP A 77 -12.71 -16.61 3.66
C ASP A 77 -14.22 -16.30 3.68
N GLY A 78 -14.57 -15.03 3.52
CA GLY A 78 -15.96 -14.58 3.48
C GLY A 78 -16.32 -13.87 2.20
N VAL A 79 -17.18 -12.87 2.31
CA VAL A 79 -17.66 -12.12 1.16
C VAL A 79 -17.56 -10.63 1.45
N GLU A 80 -17.79 -9.83 0.43
CA GLU A 80 -17.77 -8.37 0.51
C GLU A 80 -18.81 -7.80 -0.44
N VAL A 81 -19.57 -6.79 0.04
CA VAL A 81 -20.63 -6.13 -0.72
CA VAL A 81 -20.59 -6.17 -0.78
C VAL A 81 -20.23 -4.68 -0.98
N PHE A 82 -20.19 -4.28 -2.24
CA PHE A 82 -19.92 -2.90 -2.66
C PHE A 82 -21.30 -2.29 -2.81
N VAL A 83 -21.49 -1.06 -2.32
CA VAL A 83 -22.78 -0.38 -2.38
C VAL A 83 -22.60 1.04 -2.93
N HIS A 84 -23.69 1.56 -3.53
CA HIS A 84 -23.76 2.94 -3.98
C HIS A 84 -24.92 3.59 -3.24
N CYS A 85 -24.67 4.77 -2.72
CA CYS A 85 -25.66 5.57 -2.02
C CYS A 85 -25.92 6.83 -2.81
N ASP A 86 -27.21 7.18 -2.97
CA ASP A 86 -27.67 8.45 -3.56
C ASP A 86 -29.00 8.70 -2.87
N ASP A 87 -28.91 9.15 -1.61
CA ASP A 87 -30.06 9.30 -0.73
C ASP A 87 -30.03 10.67 -0.09
N HIS A 88 -31.06 11.51 -0.37
CA HIS A 88 -31.16 12.90 0.15
C HIS A 88 -29.86 13.68 -0.24
N ASP A 89 -29.38 13.45 -1.48
CA ASP A 89 -28.17 14.01 -2.10
C ASP A 89 -26.88 13.60 -1.39
N ILE A 90 -26.94 12.58 -0.48
CA ILE A 90 -25.72 12.00 0.11
C ILE A 90 -25.29 10.92 -0.88
N VAL A 91 -24.13 11.12 -1.54
CA VAL A 91 -23.66 10.23 -2.59
C VAL A 91 -22.28 9.66 -2.27
N PHE A 92 -22.17 8.33 -2.28
CA PHE A 92 -20.89 7.64 -2.05
C PHE A 92 -20.98 6.20 -2.49
N ASN A 93 -19.80 5.59 -2.60
CA ASN A 93 -19.61 4.16 -2.81
CA ASN A 93 -19.57 4.17 -2.84
C ASN A 93 -18.81 3.65 -1.64
N ALA A 94 -19.18 2.48 -1.13
CA ALA A 94 -18.51 1.89 0.03
C ALA A 94 -18.59 0.40 -0.07
N SER A 95 -17.90 -0.31 0.82
CA SER A 95 -18.00 -1.77 0.87
C SER A 95 -17.94 -2.24 2.29
N ILE A 96 -18.53 -3.42 2.53
CA ILE A 96 -18.57 -4.03 3.85
CA ILE A 96 -18.49 -4.01 3.86
C ILE A 96 -18.22 -5.51 3.73
N PRO A 97 -17.27 -6.06 4.54
CA PRO A 97 -17.04 -7.50 4.47
C PRO A 97 -18.02 -8.24 5.37
N PHE A 98 -18.32 -9.50 5.04
CA PHE A 98 -19.15 -10.36 5.88
C PHE A 98 -18.59 -11.75 5.95
N ASP A 99 -18.90 -12.48 7.04
CA ASP A 99 -18.59 -13.92 7.10
C ASP A 99 -19.69 -14.62 6.29
N LYS A 100 -19.46 -15.87 5.86
CA LYS A 100 -20.47 -16.65 5.14
C LYS A 100 -21.75 -16.79 5.98
N SER A 101 -21.62 -16.73 7.34
CA SER A 101 -22.76 -16.83 8.26
C SER A 101 -23.78 -15.68 8.11
N ILE A 102 -23.47 -14.65 7.30
CA ILE A 102 -24.40 -13.54 7.03
C ILE A 102 -25.74 -14.04 6.43
N ILE A 103 -25.74 -15.20 5.74
CA ILE A 103 -26.98 -15.74 5.13
C ILE A 103 -27.93 -16.36 6.16
N GLU A 104 -27.47 -16.54 7.41
CA GLU A 104 -28.22 -17.27 8.43
C GLU A 104 -29.43 -16.55 9.04
N SER A 105 -29.50 -15.22 8.91
CA SER A 105 -30.58 -14.47 9.55
C SER A 105 -30.96 -13.19 8.80
N ASP A 106 -32.04 -12.54 9.23
CA ASP A 106 -32.41 -11.21 8.74
C ASP A 106 -32.46 -10.25 9.93
N SER A 107 -31.98 -10.70 11.10
CA SER A 107 -31.97 -9.90 12.33
C SER A 107 -31.05 -8.68 12.21
N SER A 108 -31.29 -7.68 13.05
CA SER A 108 -30.56 -6.42 13.04
C SER A 108 -29.05 -6.60 12.86
N LEU A 109 -28.48 -5.72 12.04
CA LEU A 109 -27.05 -5.68 11.78
C LEU A 109 -26.39 -4.48 12.47
N ARG A 110 -27.13 -3.83 13.44
CA ARG A 110 -26.61 -2.71 14.24
CA ARG A 110 -26.58 -2.70 14.21
C ARG A 110 -25.28 -3.15 14.87
N SER A 111 -24.19 -2.46 14.54
CA SER A 111 -22.84 -2.77 14.96
C SER A 111 -22.40 -2.10 16.25
N GLU A 112 -21.60 -2.85 17.04
CA GLU A 112 -20.98 -2.39 18.28
C GLU A 112 -19.46 -2.27 18.06
N ASP A 113 -19.00 -2.37 16.79
CA ASP A 113 -17.59 -2.26 16.42
C ASP A 113 -17.07 -0.84 16.72
N LYS A 114 -16.00 -0.76 17.55
CA LYS A 114 -15.36 0.47 18.01
C LYS A 114 -13.96 0.62 17.41
N GLY A 115 -13.58 -0.35 16.56
CA GLY A 115 -12.28 -0.38 15.89
C GLY A 115 -12.10 0.65 14.79
N ASP A 116 -10.90 0.63 14.16
CA ASP A 116 -10.50 1.55 13.08
C ASP A 116 -11.33 1.35 11.81
N ASP A 117 -11.69 0.09 11.47
CA ASP A 117 -12.47 -0.24 10.27
C ASP A 117 -13.86 0.42 10.30
N MSE A 118 -14.48 0.52 11.48
CA MSE A 118 -15.79 1.17 11.63
C MSE A 118 -15.59 2.69 11.47
O MSE A 118 -16.38 3.31 10.73
CB MSE A 118 -16.48 0.83 12.96
CG MSE A 118 -17.81 1.55 13.16
SE MSE A 118 -19.00 1.42 11.59
CE MSE A 118 -19.83 -0.23 12.03
N SER A 119 -14.55 3.28 12.11
CA SER A 119 -14.24 4.69 11.98
CA SER A 119 -14.26 4.70 11.98
C SER A 119 -13.95 5.04 10.51
N THR A 120 -13.21 4.16 9.80
CA THR A 120 -12.86 4.35 8.39
C THR A 120 -14.15 4.34 7.54
N LEU A 121 -15.05 3.39 7.81
CA LEU A 121 -16.32 3.30 7.09
C LEU A 121 -17.16 4.54 7.35
N VAL A 122 -17.18 5.02 8.61
CA VAL A 122 -17.87 6.28 8.93
C VAL A 122 -17.32 7.42 8.02
N GLY A 123 -15.99 7.52 7.91
CA GLY A 123 -15.33 8.52 7.06
C GLY A 123 -15.72 8.39 5.60
N THR A 124 -15.86 7.15 5.12
CA THR A 124 -16.29 6.85 3.75
C THR A 124 -17.73 7.36 3.53
N VAL A 125 -18.63 7.10 4.48
CA VAL A 125 -20.01 7.56 4.39
C VAL A 125 -20.04 9.08 4.46
N LEU A 126 -19.23 9.68 5.36
CA LEU A 126 -19.17 11.13 5.55
C LEU A 126 -18.65 11.87 4.30
N SER A 127 -17.90 11.20 3.41
CA SER A 127 -17.48 11.78 2.12
CA SER A 127 -17.49 11.87 2.17
C SER A 127 -18.75 12.16 1.33
N GLY A 128 -19.80 11.35 1.48
CA GLY A 128 -21.09 11.57 0.83
C GLY A 128 -21.79 12.79 1.39
N PHE A 129 -21.60 13.06 2.69
CA PHE A 129 -22.14 14.25 3.36
C PHE A 129 -21.40 15.50 2.89
N GLU A 130 -20.06 15.36 2.71
CA GLU A 130 -19.20 16.43 2.20
C GLU A 130 -19.58 16.76 0.77
N TYR A 131 -19.93 15.73 -0.03
CA TYR A 131 -20.41 15.95 -1.39
C TYR A 131 -21.66 16.81 -1.37
N ARG A 132 -22.67 16.42 -0.59
CA ARG A 132 -23.91 17.19 -0.49
C ARG A 132 -23.64 18.63 -0.04
N ALA A 133 -22.79 18.82 0.99
CA ALA A 133 -22.49 20.17 1.51
C ALA A 133 -21.82 21.09 0.47
N HIS A 134 -21.17 20.51 -0.57
CA HIS A 134 -20.48 21.27 -1.64
C HIS A 134 -20.92 20.77 -3.02
N LYS A 135 -22.18 20.31 -3.15
CA LYS A 135 -22.71 19.69 -4.37
C LYS A 135 -22.54 20.55 -5.63
N GLU A 136 -23.07 21.76 -5.65
CA GLU A 136 -23.00 22.62 -6.84
C GLU A 136 -21.57 22.80 -7.33
N GLU A 137 -20.63 23.15 -6.41
CA GLU A 137 -19.20 23.36 -6.71
C GLU A 137 -18.55 22.10 -7.26
N LEU A 138 -18.83 20.95 -6.62
CA LEU A 138 -18.23 19.68 -7.04
C LEU A 138 -18.81 19.26 -8.41
N ASP A 139 -20.11 19.47 -8.65
CA ASP A 139 -20.72 19.17 -9.96
C ASP A 139 -20.10 20.09 -11.04
N ASN A 140 -19.80 21.35 -10.69
CA ASN A 140 -19.12 22.25 -11.64
C ASN A 140 -17.73 21.72 -11.97
N LEU A 141 -17.00 21.19 -10.95
CA LEU A 141 -15.68 20.61 -11.18
C LEU A 141 -15.79 19.41 -12.14
N THR A 142 -16.81 18.55 -11.93
CA THR A 142 -17.01 17.36 -12.79
C THR A 142 -17.16 17.80 -14.26
N GLU A 143 -18.00 18.80 -14.48
CA GLU A 143 -18.24 19.37 -15.81
C GLU A 143 -16.93 19.91 -16.44
N VAL A 144 -16.11 20.65 -15.66
CA VAL A 144 -14.84 21.21 -16.15
C VAL A 144 -13.87 20.08 -16.53
N LEU A 145 -13.85 18.98 -15.77
CA LEU A 145 -12.97 17.85 -16.08
C LEU A 145 -13.39 17.17 -17.39
N LYS A 146 -14.70 17.13 -17.68
CA LYS A 146 -15.24 16.60 -18.95
C LYS A 146 -14.85 17.53 -20.10
N GLU A 147 -14.94 18.85 -19.86
CA GLU A 147 -14.61 19.92 -20.82
CA GLU A 147 -14.63 19.90 -20.82
C GLU A 147 -13.17 19.82 -21.33
N TYR A 148 -12.23 19.47 -20.46
CA TYR A 148 -10.82 19.49 -20.86
C TYR A 148 -10.14 18.15 -21.15
N LYS A 149 -10.93 17.03 -21.18
CA LYS A 149 -10.32 15.73 -21.44
CA LYS A 149 -10.45 15.69 -21.53
C LYS A 149 -9.62 15.68 -22.82
N SER A 150 -10.15 16.35 -23.85
CA SER A 150 -9.49 16.35 -25.16
C SER A 150 -8.20 17.19 -25.15
N LYS A 151 -8.28 18.43 -24.65
CA LYS A 151 -7.15 19.35 -24.63
C LYS A 151 -5.95 18.76 -23.85
N TYR A 152 -6.19 18.20 -22.66
CA TYR A 152 -5.12 17.68 -21.81
C TYR A 152 -4.93 16.16 -21.90
N LYS A 153 -5.57 15.56 -22.93
CA LYS A 153 -5.37 14.18 -23.34
C LYS A 153 -5.50 13.17 -22.19
N TYR A 154 -6.69 13.09 -21.60
CA TYR A 154 -6.93 12.13 -20.53
C TYR A 154 -8.37 11.60 -20.60
N THR A 155 -8.62 10.57 -19.82
CA THR A 155 -9.94 10.00 -19.52
C THR A 155 -9.95 9.73 -18.03
N GLY A 156 -11.10 9.42 -17.49
CA GLY A 156 -11.16 8.97 -16.12
C GLY A 156 -11.39 7.47 -16.15
N TYR A 157 -11.81 6.89 -15.03
CA TYR A 157 -12.27 5.49 -15.03
C TYR A 157 -13.59 5.42 -15.79
N THR A 158 -14.09 4.25 -16.15
CA THR A 158 -15.45 4.13 -16.68
C THR A 158 -16.43 4.16 -15.48
N GLU A 159 -17.69 4.46 -15.76
CA GLU A 159 -18.72 4.45 -14.72
CA GLU A 159 -18.74 4.45 -14.74
C GLU A 159 -18.85 3.04 -14.12
N ASN A 160 -18.80 1.98 -14.95
CA ASN A 160 -18.91 0.61 -14.43
C ASN A 160 -17.77 0.26 -13.51
N ALA A 161 -16.54 0.69 -13.88
CA ALA A 161 -15.37 0.39 -13.04
C ALA A 161 -15.53 1.01 -11.66
N ILE A 162 -15.97 2.29 -11.57
CA ILE A 162 -16.08 2.92 -10.24
C ILE A 162 -17.23 2.30 -9.42
N MSE A 163 -18.33 1.94 -10.09
CA MSE A 163 -19.49 1.36 -9.39
CA MSE A 163 -19.53 1.33 -9.49
C MSE A 163 -19.18 -0.02 -8.84
O MSE A 163 -19.55 -0.33 -7.70
CB MSE A 163 -20.72 1.31 -10.31
CB MSE A 163 -20.57 1.12 -10.63
CG MSE A 163 -21.34 2.68 -10.55
CG MSE A 163 -21.90 0.56 -10.18
SE MSE A 163 -21.92 3.60 -8.90
SE MSE A 163 -23.02 -0.01 -11.68
CE MSE A 163 -21.04 5.23 -9.26
CE MSE A 163 -24.69 0.79 -11.11
N LYS A 164 -18.47 -0.85 -9.60
CA LYS A 164 -18.18 -2.22 -9.18
C LYS A 164 -16.89 -2.44 -8.39
N THR A 165 -15.90 -1.52 -8.48
CA THR A 165 -14.59 -1.85 -7.90
C THR A 165 -14.06 -0.86 -6.86
N GLN A 166 -14.73 0.28 -6.65
CA GLN A 166 -14.21 1.32 -5.75
C GLN A 166 -15.13 1.49 -4.56
N ASN A 167 -14.55 1.89 -3.41
CA ASN A 167 -15.29 1.93 -2.13
C ASN A 167 -14.72 2.96 -1.16
N SER A 168 -14.20 4.09 -1.68
CA SER A 168 -13.54 5.07 -0.79
C SER A 168 -14.47 6.19 -0.30
N GLY A 169 -15.64 6.28 -0.89
CA GLY A 169 -16.60 7.35 -0.58
C GLY A 169 -17.12 7.94 -1.86
N PHE A 170 -17.40 9.26 -1.86
CA PHE A 170 -17.88 9.92 -3.08
C PHE A 170 -16.84 9.79 -4.17
N ARG A 171 -17.27 9.38 -5.37
CA ARG A 171 -16.37 9.20 -6.48
C ARG A 171 -17.12 9.20 -7.78
N ASN A 172 -16.52 9.85 -8.81
CA ASN A 172 -17.05 9.77 -10.16
C ASN A 172 -15.87 9.31 -11.06
N GLU A 173 -16.06 9.35 -12.37
CA GLU A 173 -15.05 8.92 -13.32
CA GLU A 173 -15.04 8.90 -13.30
C GLU A 173 -13.71 9.65 -13.15
N TYR A 174 -13.77 10.93 -12.74
CA TYR A 174 -12.62 11.82 -12.68
C TYR A 174 -11.97 12.09 -11.34
N TYR A 175 -12.68 11.95 -10.23
CA TYR A 175 -12.07 12.22 -8.93
C TYR A 175 -12.81 11.54 -7.81
N TYR A 176 -12.17 11.54 -6.64
CA TYR A 176 -12.81 11.04 -5.43
C TYR A 176 -12.59 12.10 -4.33
N LEU A 177 -13.49 12.08 -3.33
CA LEU A 177 -13.49 13.04 -2.22
C LEU A 177 -13.24 12.25 -0.91
N THR A 178 -12.39 12.77 -0.02
CA THR A 178 -12.05 12.13 1.26
CA THR A 178 -12.10 12.13 1.26
C THR A 178 -12.47 13.05 2.40
N ALA A 179 -13.14 12.49 3.42
CA ALA A 179 -13.62 13.13 4.63
C ALA A 179 -12.88 12.59 5.86
N ILE A 180 -13.02 13.30 6.99
CA ILE A 180 -12.42 12.93 8.25
C ILE A 180 -13.27 11.81 8.91
N PRO A 181 -12.61 10.72 9.36
CA PRO A 181 -13.36 9.65 10.04
C PRO A 181 -13.76 10.00 11.47
N TYR A 182 -14.83 9.36 11.96
CA TYR A 182 -15.31 9.48 13.34
C TYR A 182 -15.87 8.14 13.74
N THR A 183 -16.20 7.97 15.01
CA THR A 183 -16.80 6.69 15.43
C THR A 183 -18.27 6.65 15.02
N LEU A 184 -18.89 5.47 15.12
CA LEU A 184 -20.30 5.33 14.81
C LEU A 184 -21.14 6.13 15.83
N ASP A 185 -20.70 6.21 17.12
CA ASP A 185 -21.41 7.01 18.13
C ASP A 185 -21.39 8.48 17.71
N GLU A 186 -20.22 8.96 17.25
CA GLU A 186 -20.06 10.34 16.77
C GLU A 186 -20.93 10.57 15.52
N TYR A 187 -21.01 9.56 14.62
CA TYR A 187 -21.87 9.65 13.44
C TYR A 187 -23.34 9.79 13.86
N LYS A 188 -23.80 8.93 14.79
CA LYS A 188 -25.18 8.94 15.28
C LYS A 188 -25.54 10.28 15.94
N ARG A 189 -24.62 10.84 16.72
CA ARG A 189 -24.85 12.08 17.44
C ARG A 189 -24.78 13.33 16.55
N TYR A 190 -23.79 13.43 15.66
CA TYR A 190 -23.59 14.66 14.90
C TYR A 190 -24.04 14.64 13.44
N PHE A 191 -24.07 13.47 12.78
CA PHE A 191 -24.36 13.49 11.35
C PHE A 191 -25.67 12.83 10.90
N GLN A 192 -26.04 11.67 11.45
CA GLN A 192 -27.30 11.03 11.04
C GLN A 192 -28.52 11.99 11.17
N PRO A 193 -28.67 12.83 12.25
CA PRO A 193 -29.83 13.74 12.31
C PRO A 193 -29.90 14.78 11.18
N LEU A 194 -28.80 14.98 10.42
CA LEU A 194 -28.77 15.97 9.35
C LEU A 194 -29.37 15.49 8.03
N ILE A 195 -29.47 14.16 7.81
CA ILE A 195 -29.91 13.57 6.53
C ILE A 195 -31.25 14.18 6.01
N LYS A 196 -32.29 14.20 6.84
CA LYS A 196 -33.62 14.64 6.44
C LYS A 196 -33.82 16.16 6.41
N GLU A 197 -32.79 16.95 6.80
CA GLU A 197 -32.87 18.41 6.81
C GLU A 197 -32.87 18.97 5.40
N ASP A 198 -33.33 20.22 5.24
CA ASP A 198 -33.28 20.92 3.95
C ASP A 198 -31.82 21.28 3.70
N ASP A 199 -31.45 21.64 2.46
CA ASP A 199 -30.06 21.93 2.11
C ASP A 199 -29.42 23.03 2.94
N LYS A 200 -30.14 24.14 3.21
CA LYS A 200 -29.60 25.24 4.01
C LYS A 200 -29.31 24.76 5.43
N SER A 201 -30.29 24.06 6.06
CA SER A 201 -30.15 23.50 7.41
CA SER A 201 -30.14 23.51 7.41
C SER A 201 -29.04 22.44 7.44
N PHE A 202 -28.91 21.66 6.34
CA PHE A 202 -27.88 20.61 6.24
C PHE A 202 -26.50 21.23 6.27
N ARG A 203 -26.28 22.27 5.45
CA ARG A 203 -24.99 22.95 5.34
C ARG A 203 -24.63 23.63 6.66
N ASP A 204 -25.62 24.24 7.36
CA ASP A 204 -25.43 24.86 8.68
C ASP A 204 -25.02 23.78 9.70
N GLY A 205 -25.69 22.64 9.64
CA GLY A 205 -25.43 21.48 10.51
C GLY A 205 -24.02 20.93 10.36
N MSE A 206 -23.53 20.84 9.11
CA MSE A 206 -22.19 20.38 8.75
C MSE A 206 -21.13 21.33 9.33
O MSE A 206 -20.12 20.85 9.85
CB MSE A 206 -22.02 20.27 7.22
CG MSE A 206 -22.71 19.05 6.62
SE MSE A 206 -22.00 17.34 7.23
CE MSE A 206 -20.38 17.33 6.16
N ARG A 207 -21.38 22.65 9.23
CA ARG A 207 -20.50 23.69 9.79
C ARG A 207 -20.40 23.53 11.32
N ASN A 208 -21.56 23.40 12.00
CA ASN A 208 -21.65 23.21 13.44
C ASN A 208 -20.96 21.91 13.88
N SER A 209 -21.11 20.80 13.11
CA SER A 209 -20.48 19.52 13.44
C SER A 209 -18.94 19.67 13.52
N LYS A 210 -18.36 20.40 12.56
CA LYS A 210 -16.92 20.63 12.50
C LYS A 210 -16.41 21.43 13.69
N LYS A 211 -17.21 22.41 14.15
CA LYS A 211 -16.87 23.24 15.30
C LYS A 211 -16.90 22.38 16.56
N GLN A 212 -17.95 21.56 16.75
CA GLN A 212 -18.13 20.70 17.91
C GLN A 212 -17.06 19.58 18.00
N LEU A 213 -16.67 19.03 16.84
CA LEU A 213 -15.68 17.95 16.72
C LEU A 213 -14.25 18.48 16.53
N LYS A 214 -14.11 19.83 16.50
CA LYS A 214 -12.86 20.57 16.39
C LYS A 214 -12.04 20.13 15.16
N ASP A 215 -12.68 20.18 13.99
CA ASP A 215 -12.05 19.89 12.70
C ASP A 215 -11.86 21.20 11.93
N LYS A 216 -10.61 21.65 11.78
CA LYS A 216 -10.26 22.89 11.10
C LYS A 216 -9.80 22.65 9.65
N SER A 217 -9.74 21.37 9.24
CA SER A 217 -9.28 20.92 7.92
C SER A 217 -10.42 20.96 6.89
N ARG A 218 -10.06 20.88 5.62
CA ARG A 218 -11.02 20.84 4.52
C ARG A 218 -10.99 19.46 3.85
N PRO A 219 -12.13 18.97 3.32
CA PRO A 219 -12.09 17.72 2.55
C PRO A 219 -11.12 17.82 1.37
N TYR A 220 -10.60 16.67 0.94
CA TYR A 220 -9.66 16.59 -0.17
C TYR A 220 -10.33 16.02 -1.41
N VAL A 221 -10.14 16.70 -2.55
CA VAL A 221 -10.55 16.24 -3.87
C VAL A 221 -9.26 15.80 -4.60
N VAL A 222 -9.17 14.54 -5.04
CA VAL A 222 -8.00 14.05 -5.78
C VAL A 222 -8.47 13.47 -7.12
N THR A 223 -7.95 13.97 -8.24
CA THR A 223 -8.34 13.43 -9.56
C THR A 223 -7.71 12.05 -9.81
N THR A 224 -8.33 11.27 -10.71
CA THR A 224 -7.89 9.93 -11.12
C THR A 224 -7.93 9.95 -12.63
N LEU A 225 -6.93 10.61 -13.23
CA LEU A 225 -6.89 10.75 -14.69
C LEU A 225 -5.90 9.80 -15.33
N PHE A 226 -6.26 9.29 -16.49
CA PHE A 226 -5.45 8.36 -17.26
C PHE A 226 -5.07 9.01 -18.58
N SER A 227 -3.76 9.22 -18.81
CA SER A 227 -3.31 9.83 -20.07
C SER A 227 -3.75 8.98 -21.27
N THR A 228 -4.05 9.63 -22.40
CA THR A 228 -4.36 8.91 -23.64
C THR A 228 -3.09 8.79 -24.50
N LYS A 229 -1.95 9.33 -24.03
CA LYS A 229 -0.66 9.23 -24.74
C LYS A 229 -0.15 7.80 -24.74
N ASP A 230 0.34 7.32 -25.88
CA ASP A 230 0.94 5.97 -25.95
C ASP A 230 2.28 5.96 -25.19
N ASN A 231 2.93 7.13 -25.10
CA ASN A 231 4.26 7.30 -24.51
C ASN A 231 4.26 8.21 -23.26
N PHE A 232 3.23 8.13 -22.41
CA PHE A 232 3.16 8.95 -21.21
C PHE A 232 4.41 8.77 -20.32
N THR A 233 4.94 9.88 -19.82
CA THR A 233 5.98 9.89 -18.79
C THR A 233 5.65 11.04 -17.84
N LYS A 234 6.17 11.01 -16.60
CA LYS A 234 6.01 12.15 -15.70
C LYS A 234 6.66 13.41 -16.31
N ASP A 235 7.88 13.26 -16.89
CA ASP A 235 8.62 14.35 -17.50
CA ASP A 235 8.62 14.36 -17.51
C ASP A 235 7.91 14.97 -18.72
N ASN A 236 7.23 14.16 -19.55
CA ASN A 236 6.60 14.76 -20.75
C ASN A 236 5.11 15.21 -20.54
N THR A 237 4.57 15.07 -19.32
CA THR A 237 3.20 15.48 -19.09
C THR A 237 3.11 16.51 -17.93
N ILE A 238 4.23 16.72 -17.18
CA ILE A 238 4.23 17.67 -16.06
C ILE A 238 3.80 19.10 -16.49
N ASP A 239 4.36 19.61 -17.59
CA ASP A 239 4.01 20.97 -18.05
C ASP A 239 2.53 21.10 -18.36
N GLU A 240 1.95 20.09 -19.03
CA GLU A 240 0.52 20.11 -19.36
C GLU A 240 -0.34 20.15 -18.09
N MSE A 241 0.09 19.42 -17.03
CA MSE A 241 -0.64 19.38 -15.75
C MSE A 241 -0.51 20.71 -15.00
O MSE A 241 -1.50 21.19 -14.43
CB MSE A 241 -0.20 18.18 -14.90
CG MSE A 241 -0.68 16.83 -15.48
SE MSE A 241 -2.66 16.75 -15.67
CE MSE A 241 -2.83 17.05 -17.55
N ILE A 242 0.68 21.33 -15.07
CA ILE A 242 0.88 22.64 -14.47
C ILE A 242 -0.07 23.62 -15.15
N ASP A 243 -0.17 23.53 -16.49
CA ASP A 243 -1.03 24.43 -17.26
C ASP A 243 -2.51 24.20 -16.94
N PHE A 244 -2.93 22.93 -16.86
CA PHE A 244 -4.30 22.63 -16.50
C PHE A 244 -4.60 23.15 -15.07
N SER A 245 -3.66 23.01 -14.09
CA SER A 245 -3.87 23.56 -12.74
C SER A 245 -4.11 25.08 -12.81
N GLU A 246 -3.31 25.78 -13.63
CA GLU A 246 -3.47 27.23 -13.79
C GLU A 246 -4.86 27.57 -14.36
N VAL A 247 -5.34 26.78 -15.34
CA VAL A 247 -6.67 26.96 -15.92
C VAL A 247 -7.75 26.79 -14.80
N LEU A 248 -7.64 25.70 -14.01
CA LEU A 248 -8.57 25.39 -12.91
C LEU A 248 -8.62 26.51 -11.85
N LYS A 249 -7.46 27.08 -11.47
CA LYS A 249 -7.40 28.17 -10.48
C LYS A 249 -8.22 29.40 -10.90
N LYS A 250 -8.41 29.59 -12.22
CA LYS A 250 -9.15 30.74 -12.77
C LYS A 250 -10.66 30.44 -12.96
N LYS A 251 -11.11 29.21 -12.65
CA LYS A 251 -12.53 28.85 -12.71
C LYS A 251 -13.15 29.25 -11.39
N LYS A 252 -14.02 30.26 -11.41
CA LYS A 252 -14.61 30.78 -10.18
C LYS A 252 -15.58 29.80 -9.50
N ASN A 253 -16.32 29.01 -10.29
CA ASN A 253 -17.41 28.18 -9.80
C ASN A 253 -17.00 26.79 -9.26
N ILE A 254 -15.70 26.47 -9.21
CA ILE A 254 -15.26 25.17 -8.72
C ILE A 254 -14.84 25.25 -7.21
N PRO A 255 -14.51 24.12 -6.53
CA PRO A 255 -14.25 24.19 -5.09
C PRO A 255 -12.92 24.82 -4.63
N HIS A 256 -12.87 26.17 -4.66
CA HIS A 256 -11.75 26.94 -4.12
C HIS A 256 -11.59 26.71 -2.61
N ASP A 257 -12.71 26.49 -1.89
CA ASP A 257 -12.73 26.27 -0.43
C ASP A 257 -12.35 24.82 -0.02
N LEU A 258 -12.10 23.91 -1.00
CA LEU A 258 -11.66 22.55 -0.65
C LEU A 258 -10.19 22.37 -1.00
N ASN A 259 -9.58 21.26 -0.56
CA ASN A 259 -8.21 20.92 -0.98
C ASN A 259 -8.40 20.16 -2.29
N VAL A 260 -7.82 20.69 -3.39
CA VAL A 260 -8.00 20.07 -4.70
C VAL A 260 -6.62 19.80 -5.30
N SER A 261 -6.41 18.56 -5.75
CA SER A 261 -5.14 18.09 -6.29
C SER A 261 -5.35 17.35 -7.63
N LEU A 262 -4.51 17.66 -8.59
CA LEU A 262 -4.56 17.05 -9.91
C LEU A 262 -3.56 15.90 -9.97
N GLN A 263 -4.05 14.69 -10.29
CA GLN A 263 -3.21 13.52 -10.53
C GLN A 263 -3.52 12.94 -11.88
N ILE A 264 -2.46 12.51 -12.59
CA ILE A 264 -2.55 11.86 -13.89
C ILE A 264 -1.52 10.73 -13.92
N SER A 265 -1.87 9.63 -14.59
CA SER A 265 -0.99 8.47 -14.75
C SER A 265 -1.04 7.97 -16.21
N ASN A 266 -0.43 6.80 -16.49
CA ASN A 266 -0.50 6.24 -17.84
C ASN A 266 -1.92 5.68 -18.11
N LYS A 267 -2.19 5.17 -19.33
CA LYS A 267 -3.52 4.76 -19.75
C LYS A 267 -3.99 3.43 -19.17
N TYR A 268 -3.15 2.73 -18.39
CA TYR A 268 -3.48 1.37 -17.96
C TYR A 268 -4.02 1.25 -16.55
N ILE A 269 -4.70 0.14 -16.29
CA ILE A 269 -5.27 -0.17 -14.98
C ILE A 269 -5.13 -1.66 -14.72
N ASN A 270 -4.74 -2.02 -13.50
CA ASN A 270 -4.63 -3.42 -13.10
C ASN A 270 -6.06 -3.98 -12.97
N THR A 271 -6.39 -5.02 -13.74
CA THR A 271 -7.77 -5.53 -13.77
C THR A 271 -8.23 -6.21 -12.47
N LYS A 272 -7.35 -6.99 -11.83
CA LYS A 272 -7.69 -7.72 -10.61
CA LYS A 272 -7.67 -7.71 -10.60
C LYS A 272 -7.74 -6.77 -9.41
N ARG A 273 -6.83 -5.78 -9.38
CA ARG A 273 -6.68 -4.81 -8.30
C ARG A 273 -6.58 -3.40 -8.88
N PRO A 274 -7.73 -2.79 -9.27
CA PRO A 274 -7.70 -1.46 -9.93
C PRO A 274 -7.50 -0.31 -8.97
N ASN A 275 -6.37 -0.32 -8.28
CA ASN A 275 -6.01 0.66 -7.25
C ASN A 275 -5.16 1.80 -7.85
N TYR A 276 -5.79 2.96 -8.06
CA TYR A 276 -5.10 4.13 -8.62
C TYR A 276 -3.93 4.59 -7.74
N SER A 277 -4.05 4.48 -6.40
CA SER A 277 -3.01 4.97 -5.48
C SER A 277 -1.66 4.22 -5.65
N LYS A 278 -1.67 3.02 -6.28
CA LYS A 278 -0.45 2.22 -6.49
CA LYS A 278 -0.44 2.24 -6.48
C LYS A 278 0.23 2.57 -7.82
N LYS A 279 -0.41 3.43 -8.63
CA LYS A 279 0.15 3.81 -9.93
CA LYS A 279 0.15 3.82 -9.93
C LYS A 279 1.18 4.93 -9.81
N GLU A 280 2.03 5.06 -10.84
CA GLU A 280 3.02 6.13 -10.92
CA GLU A 280 3.02 6.13 -10.91
C GLU A 280 2.28 7.35 -11.42
N VAL A 281 2.27 8.41 -10.63
CA VAL A 281 1.50 9.60 -11.04
C VAL A 281 2.29 10.87 -10.99
N ILE A 282 1.80 11.86 -11.74
CA ILE A 282 2.17 13.25 -11.65
C ILE A 282 1.16 13.84 -10.68
N GLU A 283 1.61 14.66 -9.72
CA GLU A 283 0.69 15.33 -8.81
C GLU A 283 0.95 16.83 -8.86
N VAL A 284 -0.10 17.62 -9.13
CA VAL A 284 0.01 19.09 -9.15
C VAL A 284 -1.10 19.66 -8.25
N GLY A 285 -0.72 20.48 -7.27
CA GLY A 285 -1.69 21.12 -6.39
C GLY A 285 -2.52 22.14 -7.16
N VAL A 286 -3.83 22.21 -6.85
CA VAL A 286 -4.72 23.21 -7.46
C VAL A 286 -5.07 24.21 -6.34
N PHE A 287 -5.74 23.71 -5.27
CA PHE A 287 -6.10 24.51 -4.10
C PHE A 287 -5.62 23.81 -2.86
N ASN A 288 -5.01 24.54 -1.93
CA ASN A 288 -4.53 23.92 -0.69
C ASN A 288 -4.73 24.86 0.48
N HIS A 289 -5.22 24.32 1.60
CA HIS A 289 -5.54 25.11 2.79
C HIS A 289 -4.75 24.66 4.04
N GLU A 290 -3.75 23.75 3.89
CA GLU A 290 -2.94 23.21 4.98
C GLU A 290 -2.05 24.29 5.65
N SER B 17 6.59 16.36 17.83
CA SER B 17 7.31 15.26 18.46
C SER B 17 6.81 13.86 18.00
N VAL B 18 7.69 12.84 18.04
CA VAL B 18 7.35 11.46 17.65
C VAL B 18 7.40 10.56 18.89
N PRO B 19 6.32 9.80 19.23
CA PRO B 19 6.38 8.93 20.41
C PRO B 19 7.38 7.79 20.25
N GLU B 20 7.86 7.23 21.38
CA GLU B 20 8.82 6.11 21.36
C GLU B 20 8.28 4.92 20.54
N GLU B 21 7.00 4.61 20.74
CA GLU B 21 6.34 3.52 20.05
C GLU B 21 5.05 3.98 19.46
N MSE B 22 4.66 3.40 18.34
CA MSE B 22 3.36 3.67 17.77
C MSE B 22 2.84 2.42 17.09
O MSE B 22 3.59 1.44 16.92
CB MSE B 22 3.34 4.92 16.85
CG MSE B 22 4.05 4.77 15.54
SE MSE B 22 3.80 6.38 14.43
CE MSE B 22 4.46 7.72 15.48
N GLU B 23 1.56 2.42 16.73
CA GLU B 23 0.95 1.29 16.04
C GLU B 23 1.64 1.09 14.71
N ALA B 24 2.02 -0.16 14.40
CA ALA B 24 2.71 -0.43 13.13
C ALA B 24 1.87 -0.01 11.91
N SER B 25 0.53 0.02 12.04
CA SER B 25 -0.36 0.41 10.94
C SER B 25 -0.27 1.91 10.63
N LYS B 26 0.19 2.71 11.56
CA LYS B 26 0.32 4.15 11.40
C LYS B 26 1.80 4.56 11.19
N TYR B 27 2.74 3.63 11.39
CA TYR B 27 4.16 3.97 11.28
C TYR B 27 4.62 3.96 9.84
N VAL B 28 5.09 5.12 9.37
CA VAL B 28 5.59 5.29 8.01
C VAL B 28 7.08 5.71 8.03
N GLY B 29 7.78 5.46 9.14
CA GLY B 29 9.20 5.83 9.25
C GLY B 29 9.46 7.11 10.02
N GLN B 30 8.40 7.78 10.55
CA GLN B 30 8.61 9.04 11.27
C GLN B 30 9.47 8.81 12.54
N GLY B 31 10.53 9.60 12.68
CA GLY B 31 11.45 9.48 13.81
C GLY B 31 12.55 8.44 13.66
N PHE B 32 12.58 7.69 12.53
CA PHE B 32 13.61 6.69 12.28
C PHE B 32 14.99 7.34 12.31
N GLN B 33 15.86 6.84 13.20
CA GLN B 33 17.20 7.42 13.30
C GLN B 33 18.23 6.42 13.79
N PRO B 34 19.14 5.90 12.93
CA PRO B 34 20.24 5.07 13.42
C PRO B 34 21.16 5.87 14.36
N PRO B 35 21.88 5.25 15.31
CA PRO B 35 22.76 6.03 16.19
C PRO B 35 23.65 6.97 15.36
N ALA B 36 23.66 8.27 15.69
CA ALA B 36 24.39 9.27 14.90
C ALA B 36 24.62 10.56 15.65
N GLU B 37 25.67 11.32 15.24
CA GLU B 37 25.98 12.65 15.79
CA GLU B 37 25.98 12.65 15.79
C GLU B 37 24.99 13.64 15.21
N LYS B 38 24.67 14.71 15.96
CA LYS B 38 23.75 15.75 15.45
C LYS B 38 24.32 16.37 14.15
N ASP B 39 25.67 16.55 14.09
CA ASP B 39 26.40 17.10 12.95
CA ASP B 39 26.38 17.11 12.94
C ASP B 39 26.21 16.22 11.71
N ALA B 40 26.26 14.88 11.90
CA ALA B 40 26.12 13.88 10.84
C ALA B 40 24.68 13.90 10.31
N ILE B 41 23.67 14.05 11.21
CA ILE B 41 22.26 14.14 10.87
C ILE B 41 22.04 15.39 10.01
N GLU B 42 22.58 16.55 10.45
CA GLU B 42 22.45 17.80 9.70
CA GLU B 42 22.45 17.81 9.72
C GLU B 42 23.13 17.70 8.34
N PHE B 43 24.32 17.07 8.30
CA PHE B 43 25.05 16.89 7.03
C PHE B 43 24.21 16.12 6.03
N SER B 44 23.55 15.01 6.47
CA SER B 44 22.72 14.16 5.60
C SER B 44 21.61 14.97 4.93
N LYS B 45 21.05 15.94 5.63
CA LYS B 45 19.97 16.78 5.13
C LYS B 45 20.47 17.78 4.09
N LYS B 46 21.69 18.33 4.30
CA LYS B 46 22.28 19.33 3.40
CA LYS B 46 22.28 19.33 3.40
C LYS B 46 22.84 18.72 2.11
N HIS B 47 23.04 17.38 2.05
CA HIS B 47 23.62 16.74 0.86
C HIS B 47 22.85 15.49 0.40
N LYS B 48 21.52 15.51 0.60
CA LYS B 48 20.62 14.41 0.25
CA LYS B 48 20.61 14.42 0.25
C LYS B 48 20.84 13.93 -1.19
N ASP B 49 20.82 14.85 -2.20
CA ASP B 49 20.96 14.47 -3.61
C ASP B 49 22.29 13.84 -3.93
N LYS B 50 23.37 14.44 -3.46
CA LYS B 50 24.72 13.93 -3.72
C LYS B 50 24.91 12.57 -3.09
N ILE B 51 24.50 12.42 -1.81
CA ILE B 51 24.67 11.15 -1.11
C ILE B 51 23.84 10.05 -1.80
N ALA B 52 22.59 10.37 -2.21
CA ALA B 52 21.73 9.43 -2.91
C ALA B 52 22.40 8.99 -4.22
N LYS B 53 22.96 9.93 -4.96
CA LYS B 53 23.63 9.66 -6.23
C LYS B 53 24.81 8.72 -6.03
N ARG B 54 25.64 8.99 -5.01
CA ARG B 54 26.82 8.18 -4.69
C ARG B 54 26.39 6.77 -4.23
N GLY B 55 25.34 6.68 -3.42
CA GLY B 55 24.79 5.39 -2.98
C GLY B 55 24.33 4.55 -4.17
N GLU B 56 23.64 5.17 -5.13
CA GLU B 56 23.18 4.49 -6.34
C GLU B 56 24.38 4.05 -7.18
N GLN B 57 25.41 4.92 -7.30
CA GLN B 57 26.63 4.59 -8.01
C GLN B 57 27.35 3.38 -7.37
N PHE B 58 27.39 3.31 -6.03
CA PHE B 58 28.03 2.20 -5.34
C PHE B 58 27.42 0.84 -5.78
N PHE B 59 26.09 0.77 -5.87
CA PHE B 59 25.42 -0.49 -6.23
C PHE B 59 25.64 -0.84 -7.70
N MSE B 60 25.75 0.16 -8.57
CA MSE B 60 26.04 -0.10 -9.99
CA MSE B 60 26.05 -0.11 -9.98
C MSE B 60 27.48 -0.60 -10.11
O MSE B 60 27.71 -1.63 -10.75
CB MSE B 60 25.81 1.15 -10.87
CB MSE B 60 25.80 1.14 -10.84
CG MSE B 60 26.02 0.88 -12.35
CG MSE B 60 26.06 0.88 -12.31
SE MSE B 60 24.86 -0.55 -13.05
SE MSE B 60 25.87 2.49 -13.37
CE MSE B 60 23.19 0.41 -13.10
CE MSE B 60 27.44 3.49 -12.71
N ASP B 61 28.46 0.12 -9.52
CA ASP B 61 29.89 -0.25 -9.59
C ASP B 61 30.17 -1.65 -9.05
N ASN B 62 29.61 -1.98 -7.87
CA ASN B 62 29.90 -3.26 -7.23
C ASN B 62 28.97 -4.40 -7.58
N PHE B 63 27.69 -4.13 -7.91
CA PHE B 63 26.78 -5.26 -8.17
C PHE B 63 26.22 -5.29 -9.60
N GLY B 64 26.45 -4.25 -10.38
CA GLY B 64 25.92 -4.17 -11.73
C GLY B 64 24.41 -4.05 -11.74
N LEU B 65 23.85 -3.44 -10.67
CA LEU B 65 22.41 -3.27 -10.51
C LEU B 65 22.02 -1.80 -10.40
N LYS B 66 20.87 -1.46 -10.98
CA LYS B 66 20.26 -0.14 -10.92
C LYS B 66 19.37 -0.07 -9.70
N VAL B 67 19.72 0.79 -8.73
CA VAL B 67 18.94 0.96 -7.50
C VAL B 67 18.50 2.42 -7.39
N LYS B 68 17.53 2.66 -6.50
CA LYS B 68 17.04 4.02 -6.23
CA LYS B 68 17.03 4.01 -6.23
C LYS B 68 17.10 4.28 -4.73
N ALA B 69 17.71 5.43 -4.32
CA ALA B 69 17.77 5.77 -2.91
C ALA B 69 16.35 6.00 -2.34
N THR B 70 16.10 5.51 -1.14
CA THR B 70 14.79 5.71 -0.50
C THR B 70 14.91 6.58 0.74
N ASN B 71 16.13 6.67 1.31
CA ASN B 71 16.33 7.45 2.52
C ASN B 71 17.79 7.73 2.71
N VAL B 72 18.10 8.94 3.16
CA VAL B 72 19.47 9.35 3.47
C VAL B 72 19.48 9.84 4.92
N VAL B 73 20.33 9.26 5.76
CA VAL B 73 20.30 9.62 7.19
C VAL B 73 21.70 9.81 7.74
N GLY B 74 21.80 10.46 8.89
CA GLY B 74 23.05 10.54 9.64
C GLY B 74 23.24 9.14 10.23
N SER B 75 24.49 8.64 10.31
CA SER B 75 24.80 7.32 10.87
C SER B 75 26.23 7.37 11.37
N GLY B 76 26.42 7.21 12.69
CA GLY B 76 27.74 7.34 13.32
C GLY B 76 28.19 8.78 13.17
N ASP B 77 29.40 8.98 12.59
CA ASP B 77 29.89 10.35 12.32
C ASP B 77 29.79 10.63 10.79
N GLY B 78 29.11 9.73 10.08
CA GLY B 78 28.91 9.82 8.64
C GLY B 78 27.45 9.78 8.26
N VAL B 79 27.18 9.15 7.12
CA VAL B 79 25.81 9.06 6.61
C VAL B 79 25.55 7.62 6.18
N GLU B 80 24.31 7.35 5.83
CA GLU B 80 23.86 6.04 5.36
C GLU B 80 22.72 6.24 4.40
N VAL B 81 22.79 5.52 3.27
CA VAL B 81 21.80 5.55 2.19
CA VAL B 81 21.77 5.60 2.23
C VAL B 81 21.07 4.24 2.11
N PHE B 82 19.76 4.27 2.20
CA PHE B 82 18.89 3.10 2.04
C PHE B 82 18.50 3.10 0.58
N VAL B 83 18.50 1.93 -0.06
CA VAL B 83 18.19 1.83 -1.49
C VAL B 83 17.16 0.70 -1.72
N HIS B 84 16.42 0.81 -2.82
CA HIS B 84 15.50 -0.22 -3.29
C HIS B 84 15.92 -0.60 -4.67
N CYS B 85 15.98 -1.91 -4.93
CA CYS B 85 16.31 -2.45 -6.25
C CYS B 85 15.11 -3.20 -6.74
N ASP B 86 14.78 -2.97 -8.01
CA ASP B 86 13.77 -3.71 -8.75
C ASP B 86 14.28 -3.68 -10.18
N ASP B 87 15.30 -4.52 -10.43
CA ASP B 87 16.03 -4.53 -11.70
C ASP B 87 16.12 -5.94 -12.26
N HIS B 88 15.51 -6.19 -13.44
CA HIS B 88 15.48 -7.52 -14.05
C HIS B 88 14.86 -8.53 -13.05
N ASP B 89 13.82 -8.09 -12.31
CA ASP B 89 13.09 -8.85 -11.27
C ASP B 89 13.96 -9.21 -10.06
N ILE B 90 15.13 -8.58 -9.94
CA ILE B 90 15.96 -8.73 -8.74
C ILE B 90 15.47 -7.63 -7.80
N VAL B 91 14.82 -8.02 -6.70
CA VAL B 91 14.16 -7.07 -5.82
C VAL B 91 14.68 -7.16 -4.39
N PHE B 92 15.20 -6.03 -3.87
CA PHE B 92 15.65 -5.99 -2.48
C PHE B 92 15.76 -4.55 -2.00
N ASN B 93 15.91 -4.43 -0.69
CA ASN B 93 16.24 -3.18 -0.01
CA ASN B 93 16.23 -3.19 0.02
C ASN B 93 17.54 -3.42 0.71
N ALA B 94 18.42 -2.42 0.70
CA ALA B 94 19.73 -2.55 1.35
C ALA B 94 20.16 -1.16 1.79
N SER B 95 21.27 -1.06 2.52
CA SER B 95 21.82 0.24 2.90
C SER B 95 23.32 0.17 2.95
N ILE B 96 23.95 1.32 2.73
CA ILE B 96 25.41 1.44 2.72
CA ILE B 96 25.40 1.39 2.80
C ILE B 96 25.82 2.66 3.56
N PRO B 97 26.79 2.54 4.47
CA PRO B 97 27.23 3.75 5.16
C PRO B 97 28.34 4.46 4.35
N PHE B 98 28.51 5.74 4.58
CA PHE B 98 29.59 6.52 3.97
C PHE B 98 30.16 7.52 4.93
N ASP B 99 31.42 7.92 4.73
CA ASP B 99 31.99 9.05 5.45
C ASP B 99 31.43 10.30 4.80
N LYS B 100 31.52 11.45 5.49
CA LYS B 100 31.07 12.73 4.91
C LYS B 100 31.87 13.07 3.64
N SER B 101 33.12 12.55 3.52
CA SER B 101 33.99 12.79 2.35
C SER B 101 33.41 12.17 1.06
N ILE B 102 32.30 11.41 1.13
CA ILE B 102 31.64 10.84 -0.06
C ILE B 102 31.20 11.95 -1.04
N ILE B 103 30.95 13.19 -0.55
CA ILE B 103 30.55 14.32 -1.42
C ILE B 103 31.71 14.88 -2.28
N GLU B 104 32.95 14.47 -2.00
CA GLU B 104 34.13 15.06 -2.62
C GLU B 104 34.41 14.68 -4.06
N SER B 105 33.81 13.60 -4.56
CA SER B 105 34.12 13.13 -5.92
C SER B 105 32.97 12.38 -6.55
N ASP B 106 33.09 12.03 -7.85
CA ASP B 106 32.15 11.15 -8.55
C ASP B 106 32.92 9.93 -9.10
N SER B 107 34.18 9.75 -8.62
CA SER B 107 35.08 8.68 -9.03
CA SER B 107 35.05 8.68 -9.08
C SER B 107 34.54 7.31 -8.63
N SER B 108 34.95 6.26 -9.35
CA SER B 108 34.50 4.89 -9.10
C SER B 108 34.44 4.53 -7.61
N LEU B 109 33.34 3.86 -7.23
CA LEU B 109 33.15 3.37 -5.89
C LEU B 109 33.38 1.85 -5.84
N ARG B 110 34.06 1.28 -6.88
CA ARG B 110 34.41 -0.14 -6.94
CA ARG B 110 34.42 -0.15 -6.93
C ARG B 110 35.16 -0.48 -5.65
N SER B 111 34.64 -1.44 -4.86
CA SER B 111 35.21 -1.78 -3.55
C SER B 111 36.18 -2.93 -3.57
N GLU B 112 37.18 -2.85 -2.69
CA GLU B 112 38.19 -3.89 -2.49
C GLU B 112 37.99 -4.51 -1.09
N ASP B 113 36.85 -4.21 -0.44
CA ASP B 113 36.53 -4.71 0.90
C ASP B 113 36.33 -6.23 0.85
N LYS B 114 37.09 -6.95 1.69
CA LYS B 114 37.12 -8.42 1.79
C LYS B 114 36.55 -8.91 3.13
N GLY B 115 36.07 -7.96 3.95
CA GLY B 115 35.52 -8.24 5.27
C GLY B 115 34.09 -8.78 5.27
N ASP B 116 33.59 -9.05 6.49
CA ASP B 116 32.24 -9.59 6.75
C ASP B 116 31.13 -8.63 6.30
N ASP B 117 31.33 -7.30 6.45
CA ASP B 117 30.33 -6.28 6.05
C ASP B 117 30.03 -6.39 4.55
N MSE B 118 31.06 -6.65 3.73
CA MSE B 118 30.86 -6.81 2.28
C MSE B 118 30.13 -8.14 2.02
O MSE B 118 29.18 -8.14 1.25
CB MSE B 118 32.18 -6.72 1.50
CG MSE B 118 32.01 -6.94 0.01
SE MSE B 118 30.58 -5.81 -0.76
CE MSE B 118 31.67 -4.23 -1.08
N SER B 119 30.56 -9.23 2.66
CA SER B 119 29.87 -10.52 2.52
C SER B 119 28.40 -10.40 2.92
N THR B 120 28.09 -9.71 4.04
CA THR B 120 26.72 -9.50 4.52
C THR B 120 25.93 -8.74 3.46
N LEU B 121 26.52 -7.66 2.90
CA LEU B 121 25.85 -6.88 1.84
C LEU B 121 25.59 -7.76 0.60
N VAL B 122 26.56 -8.62 0.24
CA VAL B 122 26.38 -9.55 -0.89
C VAL B 122 25.15 -10.43 -0.61
N GLY B 123 25.04 -10.96 0.61
CA GLY B 123 23.90 -11.82 0.97
C GLY B 123 22.58 -11.08 0.87
N THR B 124 22.58 -9.79 1.27
CA THR B 124 21.43 -8.91 1.19
C THR B 124 21.01 -8.76 -0.31
N VAL B 125 21.96 -8.52 -1.20
CA VAL B 125 21.67 -8.38 -2.64
C VAL B 125 21.18 -9.74 -3.18
N LEU B 126 21.81 -10.86 -2.79
CA LEU B 126 21.46 -12.19 -3.26
C LEU B 126 20.05 -12.61 -2.82
N SER B 127 19.52 -11.98 -1.75
CA SER B 127 18.13 -12.20 -1.32
CA SER B 127 18.14 -12.27 -1.35
C SER B 127 17.22 -11.81 -2.49
N GLY B 128 17.63 -10.77 -3.24
CA GLY B 128 16.89 -10.30 -4.42
C GLY B 128 16.93 -11.31 -5.55
N PHE B 129 18.08 -12.02 -5.70
CA PHE B 129 18.25 -13.07 -6.73
C PHE B 129 17.40 -14.28 -6.35
N GLU B 130 17.33 -14.58 -5.03
CA GLU B 130 16.49 -15.65 -4.49
C GLU B 130 15.00 -15.33 -4.75
N TYR B 131 14.63 -14.05 -4.58
CA TYR B 131 13.27 -13.61 -4.87
C TYR B 131 12.95 -13.90 -6.33
N ARG B 132 13.80 -13.46 -7.27
CA ARG B 132 13.55 -13.72 -8.70
C ARG B 132 13.45 -15.22 -8.97
N ALA B 133 14.35 -16.03 -8.36
CA ALA B 133 14.38 -17.48 -8.61
C ALA B 133 13.07 -18.16 -8.16
N HIS B 134 12.36 -17.58 -7.20
CA HIS B 134 11.13 -18.15 -6.64
C HIS B 134 9.98 -17.15 -6.68
N LYS B 135 10.01 -16.22 -7.65
CA LYS B 135 9.09 -15.09 -7.78
C LYS B 135 7.61 -15.49 -7.76
N GLU B 136 7.17 -16.38 -8.66
CA GLU B 136 5.76 -16.72 -8.69
C GLU B 136 5.27 -17.26 -7.32
N GLU B 137 6.00 -18.19 -6.68
CA GLU B 137 5.54 -18.78 -5.42
C GLU B 137 5.64 -17.78 -4.26
N LEU B 138 6.62 -16.89 -4.29
CA LEU B 138 6.72 -15.86 -3.23
C LEU B 138 5.57 -14.83 -3.41
N ASP B 139 5.28 -14.46 -4.67
CA ASP B 139 4.15 -13.55 -4.93
C ASP B 139 2.81 -14.22 -4.51
N ASN B 140 2.68 -15.55 -4.68
CA ASN B 140 1.51 -16.26 -4.21
C ASN B 140 1.43 -16.20 -2.69
N LEU B 141 2.59 -16.31 -1.99
CA LEU B 141 2.57 -16.22 -0.53
C LEU B 141 2.10 -14.82 -0.07
N THR B 142 2.60 -13.77 -0.73
CA THR B 142 2.20 -12.39 -0.42
C THR B 142 0.67 -12.24 -0.50
N GLU B 143 0.09 -12.78 -1.57
CA GLU B 143 -1.34 -12.76 -1.81
C GLU B 143 -2.08 -13.51 -0.67
N VAL B 144 -1.59 -14.69 -0.28
CA VAL B 144 -2.23 -15.47 0.81
C VAL B 144 -2.17 -14.66 2.13
N LEU B 145 -1.04 -13.99 2.40
CA LEU B 145 -0.92 -13.19 3.64
C LEU B 145 -1.89 -12.01 3.66
N LYS B 146 -2.16 -11.42 2.49
CA LYS B 146 -3.17 -10.36 2.36
C LYS B 146 -4.57 -10.93 2.58
N GLU B 147 -4.81 -12.13 2.03
CA GLU B 147 -6.10 -12.83 2.09
CA GLU B 147 -6.09 -12.87 2.10
C GLU B 147 -6.56 -13.09 3.53
N TYR B 148 -5.62 -13.44 4.42
CA TYR B 148 -5.94 -13.83 5.78
C TYR B 148 -5.68 -12.81 6.89
N LYS B 149 -5.35 -11.55 6.53
CA LYS B 149 -5.08 -10.57 7.57
CA LYS B 149 -5.16 -10.44 7.48
C LYS B 149 -6.36 -10.27 8.41
N SER B 150 -7.59 -10.32 7.84
CA SER B 150 -8.79 -10.09 8.65
CA SER B 150 -8.81 -10.11 8.63
C SER B 150 -9.08 -11.29 9.57
N LYS B 151 -9.10 -12.53 9.01
CA LYS B 151 -9.39 -13.74 9.77
C LYS B 151 -8.45 -13.88 10.97
N TYR B 152 -7.13 -13.73 10.73
CA TYR B 152 -6.12 -13.94 11.79
C TYR B 152 -5.66 -12.65 12.48
N LYS B 153 -6.41 -11.55 12.28
CA LYS B 153 -6.28 -10.27 12.98
C LYS B 153 -4.84 -9.76 13.05
N TYR B 154 -4.27 -9.44 11.88
CA TYR B 154 -2.91 -8.90 11.82
C TYR B 154 -2.81 -7.91 10.66
N THR B 155 -1.75 -7.12 10.70
CA THR B 155 -1.28 -6.27 9.61
C THR B 155 0.21 -6.56 9.47
N GLY B 156 0.81 -6.06 8.40
CA GLY B 156 2.24 -6.10 8.26
C GLY B 156 2.73 -4.69 8.53
N TYR B 157 3.98 -4.39 8.19
CA TYR B 157 4.47 -3.00 8.25
C TYR B 157 3.76 -2.20 7.19
N THR B 158 3.90 -0.88 7.15
CA THR B 158 3.41 -0.10 6.01
C THR B 158 4.48 -0.18 4.91
N GLU B 159 4.08 0.10 3.67
CA GLU B 159 5.02 0.17 2.55
C GLU B 159 6.09 1.27 2.83
N ASN B 160 5.68 2.43 3.34
CA ASN B 160 6.68 3.48 3.60
C ASN B 160 7.70 3.04 4.65
N ALA B 161 7.26 2.34 5.71
CA ALA B 161 8.17 1.90 6.77
C ALA B 161 9.23 0.94 6.22
N ILE B 162 8.84 -0.01 5.36
CA ILE B 162 9.84 -0.96 4.87
C ILE B 162 10.79 -0.25 3.90
N MSE B 163 10.25 0.66 3.07
CA MSE B 163 11.07 1.36 2.08
CA MSE B 163 10.98 1.45 2.07
CA MSE B 163 11.06 1.36 2.08
C MSE B 163 12.08 2.30 2.74
O MSE B 163 13.23 2.33 2.30
CB MSE B 163 10.20 2.13 1.06
CB MSE B 163 9.97 2.37 1.34
CB MSE B 163 10.17 2.14 1.10
CG MSE B 163 9.49 1.20 0.06
CG MSE B 163 10.55 3.26 0.25
CG MSE B 163 9.52 1.24 0.04
SE MSE B 163 10.64 -0.11 -0.85
SE MSE B 163 9.28 4.63 -0.38
SE MSE B 163 10.78 0.49 -1.29
CE MSE B 163 9.45 -1.58 -0.82
CE MSE B 163 9.44 4.30 -2.29
CE MSE B 163 10.69 1.97 -2.60
N LYS B 164 11.69 3.00 3.79
CA LYS B 164 12.61 3.95 4.43
C LYS B 164 13.46 3.43 5.58
N THR B 165 13.10 2.27 6.22
CA THR B 165 13.80 1.89 7.45
C THR B 165 14.41 0.48 7.46
N GLN B 166 14.18 -0.33 6.42
CA GLN B 166 14.63 -1.72 6.45
C GLN B 166 15.67 -1.93 5.39
N ASN B 167 16.62 -2.87 5.61
CA ASN B 167 17.76 -3.01 4.70
C ASN B 167 18.30 -4.44 4.72
N SER B 168 17.44 -5.45 4.93
CA SER B 168 17.91 -6.83 5.09
C SER B 168 17.95 -7.62 3.78
N GLY B 169 17.36 -7.07 2.73
CA GLY B 169 17.23 -7.74 1.44
C GLY B 169 15.81 -7.66 0.95
N PHE B 170 15.32 -8.71 0.25
CA PHE B 170 13.93 -8.73 -0.23
C PHE B 170 12.99 -8.65 0.96
N ARG B 171 12.05 -7.71 0.90
CA ARG B 171 11.08 -7.53 1.97
C ARG B 171 9.85 -6.86 1.46
N ASN B 172 8.67 -7.33 1.92
CA ASN B 172 7.43 -6.63 1.63
C ASN B 172 6.80 -6.34 3.01
N GLU B 173 5.57 -5.88 3.03
CA GLU B 173 4.87 -5.54 4.28
CA GLU B 173 4.89 -5.54 4.28
C GLU B 173 4.79 -6.72 5.24
N TYR B 174 4.72 -7.97 4.69
CA TYR B 174 4.44 -9.15 5.46
C TYR B 174 5.59 -10.06 5.80
N TYR B 175 6.68 -10.03 5.04
CA TYR B 175 7.78 -10.94 5.30
C TYR B 175 9.07 -10.45 4.66
N TYR B 176 10.16 -11.08 5.01
CA TYR B 176 11.48 -10.82 4.42
C TYR B 176 12.13 -12.17 4.10
N LEU B 177 13.07 -12.17 3.14
CA LEU B 177 13.75 -13.37 2.67
C LEU B 177 15.24 -13.22 2.98
N THR B 178 15.89 -14.30 3.40
CA THR B 178 17.32 -14.32 3.77
CA THR B 178 17.33 -14.28 3.71
C THR B 178 18.05 -15.33 2.90
N ALA B 179 19.19 -14.93 2.31
CA ALA B 179 20.05 -15.74 1.45
C ALA B 179 21.42 -15.97 2.09
N ILE B 180 22.18 -16.92 1.56
CA ILE B 180 23.54 -17.19 2.01
C ILE B 180 24.47 -16.07 1.51
N PRO B 181 25.34 -15.50 2.39
CA PRO B 181 26.31 -14.50 1.92
C PRO B 181 27.52 -15.12 1.22
N TYR B 182 28.20 -14.34 0.39
CA TYR B 182 29.44 -14.70 -0.31
C TYR B 182 30.31 -13.47 -0.42
N THR B 183 31.53 -13.63 -0.91
CA THR B 183 32.40 -12.48 -1.09
C THR B 183 31.98 -11.73 -2.36
N LEU B 184 32.48 -10.51 -2.53
CA LEU B 184 32.18 -9.77 -3.75
C LEU B 184 32.79 -10.49 -4.96
N ASP B 185 34.00 -11.12 -4.80
CA ASP B 185 34.63 -11.87 -5.90
C ASP B 185 33.72 -13.01 -6.33
N GLU B 186 33.13 -13.73 -5.35
CA GLU B 186 32.19 -14.83 -5.61
C GLU B 186 30.92 -14.28 -6.29
N TYR B 187 30.44 -13.09 -5.87
CA TYR B 187 29.27 -12.44 -6.48
C TYR B 187 29.56 -12.14 -7.96
N LYS B 188 30.74 -11.56 -8.26
CA LYS B 188 31.14 -11.19 -9.62
C LYS B 188 31.29 -12.41 -10.53
N ARG B 189 31.79 -13.53 -9.98
CA ARG B 189 32.02 -14.74 -10.75
C ARG B 189 30.73 -15.55 -11.02
N TYR B 190 29.91 -15.77 -9.99
CA TYR B 190 28.77 -16.66 -10.13
C TYR B 190 27.40 -16.00 -10.29
N PHE B 191 27.23 -14.77 -9.81
CA PHE B 191 25.88 -14.19 -9.79
C PHE B 191 25.70 -13.00 -10.71
N GLN B 192 26.64 -12.03 -10.73
CA GLN B 192 26.44 -10.87 -11.61
C GLN B 192 26.15 -11.27 -13.08
N PRO B 193 26.84 -12.28 -13.69
CA PRO B 193 26.55 -12.61 -15.09
C PRO B 193 25.14 -13.14 -15.34
N LEU B 194 24.39 -13.52 -14.29
CA LEU B 194 23.04 -14.05 -14.45
C LEU B 194 21.97 -13.00 -14.63
N ILE B 195 22.27 -11.73 -14.26
CA ILE B 195 21.27 -10.64 -14.21
C ILE B 195 20.48 -10.50 -15.53
N LYS B 196 21.18 -10.35 -16.66
CA LYS B 196 20.58 -10.08 -17.98
C LYS B 196 20.03 -11.32 -18.70
N GLU B 197 20.17 -12.51 -18.09
CA GLU B 197 19.70 -13.75 -18.68
CA GLU B 197 19.70 -13.75 -18.70
C GLU B 197 18.17 -13.85 -18.62
N ASP B 198 17.58 -14.76 -19.41
CA ASP B 198 16.13 -14.98 -19.38
C ASP B 198 15.85 -15.73 -18.06
N ASP B 199 14.58 -15.80 -17.63
CA ASP B 199 14.23 -16.41 -16.34
C ASP B 199 14.59 -17.89 -16.26
N LYS B 200 14.40 -18.67 -17.36
CA LYS B 200 14.76 -20.08 -17.35
C LYS B 200 16.29 -20.23 -17.13
N SER B 201 17.11 -19.47 -17.89
CA SER B 201 18.58 -19.52 -17.75
C SER B 201 19.01 -18.99 -16.38
N PHE B 202 18.31 -17.97 -15.89
CA PHE B 202 18.59 -17.39 -14.57
C PHE B 202 18.43 -18.45 -13.48
N ARG B 203 17.29 -19.18 -13.51
CA ARG B 203 16.97 -20.22 -12.53
C ARG B 203 17.99 -21.36 -12.62
N ASP B 204 18.40 -21.76 -13.85
CA ASP B 204 19.42 -22.78 -14.07
C ASP B 204 20.76 -22.31 -13.49
N GLY B 205 21.12 -21.05 -13.76
CA GLY B 205 22.33 -20.43 -13.26
C GLY B 205 22.39 -20.42 -11.73
N MSE B 206 21.23 -20.15 -11.08
CA MSE B 206 21.11 -20.16 -9.62
C MSE B 206 21.34 -21.56 -9.07
O MSE B 206 22.06 -21.71 -8.08
CB MSE B 206 19.72 -19.63 -9.17
CG MSE B 206 19.60 -18.11 -9.38
SE MSE B 206 20.75 -17.09 -8.11
CE MSE B 206 19.62 -17.23 -6.46
N ARG B 207 20.71 -22.58 -9.69
CA ARG B 207 20.90 -23.99 -9.31
C ARG B 207 22.37 -24.36 -9.43
N ASN B 208 23.03 -23.95 -10.52
CA ASN B 208 24.46 -24.24 -10.72
C ASN B 208 25.33 -23.60 -9.63
N SER B 209 24.99 -22.38 -9.19
CA SER B 209 25.73 -21.65 -8.16
C SER B 209 25.71 -22.39 -6.80
N LYS B 210 24.59 -23.02 -6.44
CA LYS B 210 24.49 -23.76 -5.18
C LYS B 210 25.33 -25.03 -5.25
N LYS B 211 25.42 -25.67 -6.43
CA LYS B 211 26.24 -26.86 -6.63
C LYS B 211 27.72 -26.47 -6.54
N GLN B 212 28.13 -25.41 -7.27
CA GLN B 212 29.53 -24.94 -7.32
C GLN B 212 30.00 -24.40 -5.96
N LEU B 213 29.14 -23.69 -5.24
CA LEU B 213 29.45 -23.08 -3.94
C LEU B 213 29.06 -24.00 -2.75
N LYS B 214 28.56 -25.21 -3.06
CA LYS B 214 28.23 -26.26 -2.10
C LYS B 214 27.18 -25.79 -1.08
N ASP B 215 26.11 -25.14 -1.56
CA ASP B 215 25.01 -24.73 -0.71
C ASP B 215 23.89 -25.76 -0.79
N LYS B 216 23.68 -26.53 0.29
CA LYS B 216 22.61 -27.55 0.34
C LYS B 216 21.38 -27.01 1.08
N SER B 217 21.45 -25.75 1.54
CA SER B 217 20.36 -25.12 2.28
C SER B 217 19.33 -24.43 1.37
N ARG B 218 18.21 -24.05 1.96
CA ARG B 218 17.15 -23.31 1.29
C ARG B 218 17.05 -21.92 1.92
N PRO B 219 16.75 -20.88 1.13
CA PRO B 219 16.51 -19.54 1.70
C PRO B 219 15.39 -19.57 2.74
N TYR B 220 15.40 -18.62 3.66
CA TYR B 220 14.39 -18.53 4.72
C TYR B 220 13.43 -17.37 4.49
N VAL B 221 12.12 -17.65 4.64
CA VAL B 221 11.05 -16.65 4.64
C VAL B 221 10.60 -16.51 6.09
N VAL B 222 10.60 -15.28 6.62
CA VAL B 222 10.12 -15.05 7.99
C VAL B 222 9.07 -13.95 7.92
N THR B 223 7.84 -14.18 8.45
CA THR B 223 6.81 -13.14 8.42
C THR B 223 7.07 -12.10 9.52
N THR B 224 6.52 -10.89 9.35
CA THR B 224 6.66 -9.78 10.31
C THR B 224 5.25 -9.25 10.49
N LEU B 225 4.45 -9.99 11.28
CA LEU B 225 3.04 -9.64 11.46
C LEU B 225 2.83 -8.97 12.80
N PHE B 226 1.91 -8.01 12.81
CA PHE B 226 1.55 -7.22 13.98
C PHE B 226 0.09 -7.48 14.30
N SER B 227 -0.17 -8.07 15.47
CA SER B 227 -1.55 -8.35 15.89
C SER B 227 -2.39 -7.05 15.90
N THR B 228 -3.69 -7.12 15.59
CA THR B 228 -4.59 -5.96 15.71
C THR B 228 -5.33 -6.03 17.08
N LYS B 229 -5.01 -7.04 17.91
CA LYS B 229 -5.61 -7.19 19.24
C LYS B 229 -5.11 -6.11 20.18
N ASP B 230 -6.02 -5.52 20.98
CA ASP B 230 -5.58 -4.54 21.98
C ASP B 230 -4.83 -5.26 23.12
N ASN B 231 -5.15 -6.55 23.34
CA ASN B 231 -4.65 -7.37 24.44
C ASN B 231 -3.80 -8.58 23.97
N PHE B 232 -3.02 -8.43 22.90
CA PHE B 232 -2.20 -9.52 22.40
C PHE B 232 -1.29 -10.10 23.47
N THR B 233 -1.21 -11.43 23.52
CA THR B 233 -0.24 -12.16 24.34
C THR B 233 0.19 -13.35 23.51
N LYS B 234 1.35 -13.91 23.81
CA LYS B 234 1.80 -15.15 23.15
C LYS B 234 0.80 -16.30 23.44
N ASP B 235 0.31 -16.40 24.69
CA ASP B 235 -0.62 -17.44 25.10
CA ASP B 235 -0.63 -17.45 25.11
C ASP B 235 -2.00 -17.31 24.44
N ASN B 236 -2.49 -16.09 24.20
CA ASN B 236 -3.83 -15.98 23.61
C ASN B 236 -3.84 -15.92 22.06
N THR B 237 -2.66 -16.00 21.41
CA THR B 237 -2.60 -15.93 19.95
C THR B 237 -1.90 -17.20 19.35
N ILE B 238 -1.23 -18.02 20.19
CA ILE B 238 -0.54 -19.24 19.71
C ILE B 238 -1.52 -20.18 18.94
N ASP B 239 -2.74 -20.44 19.44
CA ASP B 239 -3.66 -21.35 18.73
C ASP B 239 -4.04 -20.82 17.34
N GLU B 240 -4.29 -19.51 17.23
CA GLU B 240 -4.63 -18.91 15.92
C GLU B 240 -3.46 -19.04 14.92
N MSE B 241 -2.22 -18.91 15.42
CA MSE B 241 -1.02 -19.03 14.59
C MSE B 241 -0.83 -20.50 14.17
O MSE B 241 -0.49 -20.75 13.02
CB MSE B 241 0.21 -18.45 15.28
CG MSE B 241 0.17 -16.91 15.35
SE MSE B 241 -0.05 -16.02 13.58
CE MSE B 241 -1.96 -15.63 13.64
N ILE B 242 -1.08 -21.46 15.11
CA ILE B 242 -1.02 -22.89 14.78
CA ILE B 242 -1.01 -22.89 14.77
C ILE B 242 -2.02 -23.14 13.64
N ASP B 243 -3.25 -22.63 13.78
CA ASP B 243 -4.29 -22.81 12.78
C ASP B 243 -3.89 -22.16 11.45
N PHE B 244 -3.35 -20.94 11.47
CA PHE B 244 -2.95 -20.30 10.21
C PHE B 244 -1.83 -21.12 9.53
N SER B 245 -0.87 -21.64 10.30
CA SER B 245 0.21 -22.47 9.71
C SER B 245 -0.39 -23.69 9.01
N GLU B 246 -1.41 -24.33 9.62
CA GLU B 246 -2.09 -25.48 9.04
C GLU B 246 -2.78 -25.11 7.74
N VAL B 247 -3.36 -23.90 7.67
CA VAL B 247 -4.01 -23.38 6.46
C VAL B 247 -2.94 -23.24 5.35
N LEU B 248 -1.80 -22.60 5.69
CA LEU B 248 -0.69 -22.36 4.76
C LEU B 248 -0.08 -23.66 4.21
N LYS B 249 0.04 -24.69 5.05
CA LYS B 249 0.57 -25.99 4.60
C LYS B 249 -0.27 -26.61 3.49
N LYS B 250 -1.59 -26.33 3.44
CA LYS B 250 -2.49 -26.89 2.42
C LYS B 250 -2.52 -26.05 1.12
N LYS B 251 -1.88 -24.87 1.10
CA LYS B 251 -1.81 -24.00 -0.09
C LYS B 251 -0.73 -24.56 -1.00
N LYS B 252 -1.13 -25.16 -2.12
CA LYS B 252 -0.17 -25.82 -3.00
C LYS B 252 0.80 -24.87 -3.71
N ASN B 253 0.37 -23.64 -4.01
CA ASN B 253 1.12 -22.70 -4.85
C ASN B 253 2.12 -21.80 -4.09
N ILE B 254 2.28 -21.98 -2.76
CA ILE B 254 3.23 -21.15 -1.99
C ILE B 254 4.59 -21.88 -1.86
N PRO B 255 5.65 -21.23 -1.30
CA PRO B 255 6.99 -21.87 -1.32
C PRO B 255 7.21 -23.05 -0.36
N HIS B 256 6.68 -24.23 -0.73
CA HIS B 256 6.90 -25.48 -0.01
C HIS B 256 8.40 -25.82 -0.02
N ASP B 257 9.12 -25.42 -1.10
CA ASP B 257 10.54 -25.74 -1.28
C ASP B 257 11.48 -24.77 -0.53
N LEU B 258 10.93 -23.77 0.19
CA LEU B 258 11.76 -22.85 1.01
C LEU B 258 11.53 -23.11 2.48
N ASN B 259 12.35 -22.50 3.34
CA ASN B 259 12.11 -22.53 4.79
C ASN B 259 11.17 -21.37 5.08
N VAL B 260 9.96 -21.65 5.64
CA VAL B 260 8.95 -20.63 5.89
C VAL B 260 8.51 -20.70 7.34
N SER B 261 8.57 -19.56 8.01
CA SER B 261 8.25 -19.41 9.42
C SER B 261 7.26 -18.26 9.64
N LEU B 262 6.26 -18.52 10.48
CA LEU B 262 5.26 -17.54 10.80
C LEU B 262 5.62 -16.88 12.13
N GLN B 263 5.77 -15.53 12.13
CA GLN B 263 5.99 -14.75 13.35
C GLN B 263 4.91 -13.69 13.48
N ILE B 264 4.41 -13.51 14.71
CA ILE B 264 3.45 -12.44 15.02
C ILE B 264 3.87 -11.79 16.37
N SER B 265 3.66 -10.50 16.48
CA SER B 265 3.94 -9.76 17.71
C SER B 265 2.75 -8.84 18.05
N ASN B 266 2.89 -7.98 19.08
CA ASN B 266 1.84 -7.01 19.41
C ASN B 266 1.79 -5.92 18.30
N LYS B 267 0.83 -4.98 18.39
CA LYS B 267 0.60 -3.99 17.33
C LYS B 267 1.62 -2.87 17.25
N TYR B 268 2.60 -2.81 18.18
CA TYR B 268 3.48 -1.64 18.25
C TYR B 268 4.83 -1.81 17.56
N ILE B 269 5.45 -0.68 17.22
CA ILE B 269 6.77 -0.64 16.61
C ILE B 269 7.55 0.52 17.22
N ASN B 270 8.83 0.28 17.54
CA ASN B 270 9.75 1.31 18.05
C ASN B 270 10.04 2.27 16.90
N THR B 271 9.68 3.56 17.04
CA THR B 271 9.80 4.51 15.92
C THR B 271 11.25 4.81 15.53
N LYS B 272 12.15 4.99 16.50
CA LYS B 272 13.55 5.33 16.20
C LYS B 272 14.33 4.12 15.67
N ARG B 273 14.04 2.91 16.19
CA ARG B 273 14.74 1.66 15.88
C ARG B 273 13.70 0.58 15.58
N PRO B 274 13.11 0.59 14.37
CA PRO B 274 11.97 -0.33 14.08
C PRO B 274 12.44 -1.73 13.73
N ASN B 275 13.10 -2.39 14.69
CA ASN B 275 13.70 -3.70 14.50
C ASN B 275 12.75 -4.79 15.00
N TYR B 276 12.11 -5.48 14.06
CA TYR B 276 11.15 -6.53 14.42
C TYR B 276 11.82 -7.66 15.24
N SER B 277 13.11 -7.97 14.98
CA SER B 277 13.81 -9.07 15.66
C SER B 277 13.98 -8.86 17.17
N LYS B 278 13.77 -7.61 17.67
CA LYS B 278 13.90 -7.28 19.09
CA LYS B 278 13.90 -7.27 19.09
C LYS B 278 12.53 -7.35 19.81
N LYS B 279 11.44 -7.62 19.05
CA LYS B 279 10.10 -7.70 19.64
CA LYS B 279 10.10 -7.70 19.64
C LYS B 279 9.82 -9.08 20.21
N GLU B 280 8.84 -9.16 21.12
CA GLU B 280 8.38 -10.44 21.68
CA GLU B 280 8.40 -10.44 21.68
C GLU B 280 7.49 -11.08 20.63
N VAL B 281 7.85 -12.27 20.14
CA VAL B 281 7.04 -12.87 19.09
C VAL B 281 6.62 -14.29 19.39
N ILE B 282 5.56 -14.71 18.70
CA ILE B 282 5.13 -16.08 18.58
C ILE B 282 5.79 -16.56 17.32
N GLU B 283 6.40 -17.75 17.32
CA GLU B 283 6.97 -18.30 16.10
C GLU B 283 6.39 -19.70 15.88
N VAL B 284 5.82 -19.93 14.69
CA VAL B 284 5.27 -21.24 14.32
C VAL B 284 5.87 -21.66 12.98
N GLY B 285 6.51 -22.82 12.92
CA GLY B 285 7.06 -23.31 11.66
C GLY B 285 5.97 -23.62 10.64
N VAL B 286 6.25 -23.36 9.35
CA VAL B 286 5.30 -23.70 8.28
C VAL B 286 5.98 -24.80 7.43
N PHE B 287 7.15 -24.49 6.84
CA PHE B 287 7.94 -25.45 6.06
C PHE B 287 9.38 -25.40 6.54
N ASN B 288 10.00 -26.55 6.72
CA ASN B 288 11.39 -26.56 7.18
C ASN B 288 12.13 -27.71 6.51
N HIS B 289 13.34 -27.44 6.02
CA HIS B 289 14.14 -28.41 5.29
C HIS B 289 15.49 -28.71 5.98
N GLU B 290 15.70 -28.21 7.22
CA GLU B 290 16.93 -28.42 8.01
C GLU B 290 17.14 -29.90 8.37
#